data_1GTC
#
_entry.id   1GTC
#
_cell.length_a   1.000
_cell.length_b   1.000
_cell.length_c   1.000
_cell.angle_alpha   90.00
_cell.angle_beta   90.00
_cell.angle_gamma   90.00
#
_symmetry.space_group_name_H-M   'P 1'
#
loop_
_entity.id
_entity.type
_entity.pdbx_description
1 polymer "DNA (5'-D(*GP*CP*AP*GP*TP*GP*GP*C)-3')"
2 polymer "DNA/RNA (5'-R(*GP*CP*CP*A)-D(P*CP*TP*GP*C)-3')"
#
loop_
_entity_poly.entity_id
_entity_poly.type
_entity_poly.pdbx_seq_one_letter_code
_entity_poly.pdbx_strand_id
1 'polydeoxyribonucleotide' (DG)(DC)(DA)(DG)(DT)(DG)(DG)(DC) A
2 'polydeoxyribonucleotide/polyribonucleotide hybrid' GCCA(DC)(DT)(DG)(DC) B
#